data_7R63
#
_entry.id   7R63
#
_cell.length_a   77.745
_cell.length_b   82.474
_cell.length_c   170.700
_cell.angle_alpha   90.000
_cell.angle_beta   90.000
_cell.angle_gamma   90.000
#
_symmetry.space_group_name_H-M   'C 2 2 21'
#
loop_
_entity.id
_entity.type
_entity.pdbx_description
1 polymer 'Nanobody Nb82'
2 non-polymer 'SULFATE ION'
3 non-polymer 2-(2-METHOXYETHOXY)ETHANOL
4 non-polymer 'SODIUM ION'
5 non-polymer 'CHLORIDE ION'
6 water water
#
_entity_poly.entity_id   1
_entity_poly.type   'polypeptide(L)'
_entity_poly.pdbx_seq_one_letter_code
;QVQLQESGGGLVQTGGSLRLSCKASGRAFARYDLAWSRQAPGKQREFVASIGVTRNPPYYSGSVKGRFTVSRDNAKETVY
LQMNDLKPEDSAVYYCAAKDASVTVATIEDYPYWGRGTQVTVSSENLYFQGHHHHHH
;
_entity_poly.pdbx_strand_id   A,B,C,D
#
# COMPACT_ATOMS: atom_id res chain seq x y z
N GLN A 1 23.40 -2.65 7.23
CA GLN A 1 24.57 -2.96 6.37
C GLN A 1 24.33 -4.25 5.61
N VAL A 2 24.25 -4.16 4.27
CA VAL A 2 23.91 -5.32 3.40
C VAL A 2 24.86 -5.34 2.21
N GLN A 3 25.33 -6.52 1.85
CA GLN A 3 26.15 -6.78 0.64
C GLN A 3 25.28 -7.50 -0.40
N LEU A 4 25.42 -7.13 -1.67
CA LEU A 4 24.53 -7.61 -2.75
C LEU A 4 25.41 -8.26 -3.82
N GLN A 5 24.95 -9.36 -4.38
CA GLN A 5 25.62 -10.04 -5.50
C GLN A 5 24.58 -10.50 -6.51
N GLU A 6 24.66 -9.98 -7.74
CA GLU A 6 23.77 -10.36 -8.88
C GLU A 6 24.36 -11.63 -9.48
N SER A 7 23.50 -12.51 -9.97
CA SER A 7 23.89 -13.64 -10.84
C SER A 7 22.74 -13.90 -11.83
N GLY A 8 22.99 -14.71 -12.85
CA GLY A 8 21.94 -15.14 -13.81
C GLY A 8 22.07 -14.46 -15.17
N GLY A 9 23.12 -13.65 -15.35
CA GLY A 9 23.38 -12.99 -16.63
C GLY A 9 23.77 -13.99 -17.68
N GLY A 10 23.96 -13.50 -18.90
CA GLY A 10 24.36 -14.34 -20.03
C GLY A 10 24.21 -13.65 -21.36
N LEU A 11 24.32 -14.47 -22.39
CA LEU A 11 24.12 -14.08 -23.79
C LEU A 11 23.00 -14.99 -24.31
N VAL A 12 21.89 -14.38 -24.67
CA VAL A 12 20.62 -15.09 -24.92
C VAL A 12 20.11 -14.59 -26.28
N GLN A 13 19.49 -15.50 -27.01
CA GLN A 13 18.81 -15.17 -28.28
C GLN A 13 17.60 -14.26 -28.03
N THR A 14 17.44 -13.27 -28.88
CA THR A 14 16.22 -12.42 -28.99
C THR A 14 14.98 -13.29 -28.82
N GLY A 15 14.02 -12.82 -28.03
CA GLY A 15 12.74 -13.51 -27.74
C GLY A 15 12.88 -14.45 -26.56
N GLY A 16 14.10 -14.69 -26.13
CA GLY A 16 14.35 -15.55 -24.97
C GLY A 16 14.10 -14.82 -23.67
N SER A 17 14.37 -15.51 -22.57
CA SER A 17 14.14 -15.05 -21.18
C SER A 17 15.42 -15.28 -20.37
N LEU A 18 15.55 -14.54 -19.27
CA LEU A 18 16.52 -14.79 -18.20
C LEU A 18 15.80 -14.66 -16.87
N ARG A 19 16.43 -15.11 -15.81
CA ARG A 19 16.02 -14.68 -14.45
C ARG A 19 17.25 -14.32 -13.65
N LEU A 20 17.43 -13.04 -13.43
CA LEU A 20 18.52 -12.54 -12.57
C LEU A 20 18.13 -12.79 -11.12
N SER A 21 19.10 -13.08 -10.28
CA SER A 21 18.88 -13.10 -8.82
C SER A 21 19.89 -12.18 -8.17
N CYS A 22 19.47 -11.60 -7.05
CA CYS A 22 20.30 -10.66 -6.28
C CYS A 22 20.29 -11.14 -4.84
N LYS A 23 21.38 -11.77 -4.40
CA LYS A 23 21.48 -12.39 -3.05
C LYS A 23 22.03 -11.34 -2.08
N ALA A 24 21.34 -11.11 -0.97
CA ALA A 24 21.76 -10.17 0.07
C ALA A 24 22.47 -10.94 1.20
N SER A 25 23.48 -10.31 1.80
CA SER A 25 24.15 -10.75 3.05
C SER A 25 24.14 -9.57 4.04
N GLY A 26 23.75 -9.83 5.28
CA GLY A 26 23.57 -8.78 6.30
C GLY A 26 22.27 -8.97 7.05
N ARG A 27 22.00 -8.11 8.03
CA ARG A 27 20.83 -8.30 8.94
C ARG A 27 19.63 -7.66 8.26
N ALA A 28 18.43 -8.21 8.53
CA ALA A 28 17.10 -7.58 8.38
C ALA A 28 16.76 -7.39 6.88
N PHE A 29 16.94 -8.43 6.07
CA PHE A 29 16.65 -8.38 4.60
C PHE A 29 15.26 -7.78 4.39
N ALA A 30 14.30 -8.15 5.26
CA ALA A 30 12.86 -7.80 5.15
C ALA A 30 12.64 -6.29 5.33
N ARG A 31 13.62 -5.55 5.78
CA ARG A 31 13.43 -4.09 6.01
C ARG A 31 14.02 -3.25 4.87
N TYR A 32 14.51 -3.89 3.82
CA TYR A 32 15.15 -3.20 2.65
C TYR A 32 14.18 -3.20 1.46
N ASP A 33 14.04 -2.04 0.83
CA ASP A 33 13.54 -1.90 -0.56
C ASP A 33 14.71 -2.34 -1.45
N LEU A 34 14.41 -2.96 -2.57
CA LEU A 34 15.40 -3.41 -3.55
C LEU A 34 14.97 -2.96 -4.94
N ALA A 35 15.94 -2.54 -5.74
CA ALA A 35 15.70 -1.94 -7.06
C ALA A 35 16.69 -2.57 -8.05
N TRP A 36 16.18 -2.85 -9.22
CA TRP A 36 16.96 -3.24 -10.41
C TRP A 36 17.11 -2.04 -11.31
N SER A 37 18.33 -1.93 -11.79
CA SER A 37 18.84 -0.88 -12.68
C SER A 37 19.63 -1.50 -13.81
N ARG A 38 19.75 -0.81 -14.94
CA ARG A 38 20.57 -1.34 -16.05
C ARG A 38 21.38 -0.20 -16.68
N GLN A 39 22.57 -0.53 -17.15
CA GLN A 39 23.44 0.48 -17.80
C GLN A 39 24.08 -0.12 -19.06
N ALA A 40 23.75 0.49 -20.18
CA ALA A 40 24.37 0.17 -21.48
C ALA A 40 25.63 1.02 -21.66
N PRO A 41 26.66 0.52 -22.37
CA PRO A 41 27.88 1.31 -22.62
C PRO A 41 27.54 2.73 -23.12
N GLY A 42 28.21 3.74 -22.55
CA GLY A 42 28.04 5.17 -22.93
C GLY A 42 26.68 5.72 -22.56
N LYS A 43 25.94 5.03 -21.71
CA LYS A 43 24.60 5.57 -21.39
C LYS A 43 24.41 5.72 -19.89
N GLN A 44 23.46 6.55 -19.50
CA GLN A 44 23.12 6.73 -18.08
C GLN A 44 22.49 5.44 -17.56
N ARG A 45 22.80 5.09 -16.33
CA ARG A 45 22.19 3.92 -15.67
C ARG A 45 20.69 4.24 -15.53
N GLU A 46 19.80 3.29 -15.80
CA GLU A 46 18.36 3.59 -15.78
C GLU A 46 17.57 2.62 -14.90
N PHE A 47 16.49 3.12 -14.31
CA PHE A 47 15.60 2.31 -13.45
C PHE A 47 14.95 1.20 -14.28
N VAL A 48 14.89 0.01 -13.72
CA VAL A 48 14.13 -1.11 -14.35
C VAL A 48 12.90 -1.45 -13.50
N ALA A 49 13.12 -1.84 -12.24
CA ALA A 49 12.03 -2.37 -11.38
C ALA A 49 12.40 -2.22 -9.90
N SER A 50 11.41 -2.01 -9.03
CA SER A 50 11.66 -1.92 -7.58
C SER A 50 10.57 -2.68 -6.82
N ILE A 51 10.95 -3.22 -5.66
CA ILE A 51 10.02 -4.00 -4.83
C ILE A 51 10.24 -3.55 -3.39
N GLY A 52 9.12 -3.39 -2.69
CA GLY A 52 9.10 -2.86 -1.31
C GLY A 52 8.93 -3.98 -0.32
N VAL A 53 8.58 -3.62 0.90
CA VAL A 53 8.53 -4.60 2.01
C VAL A 53 7.07 -4.85 2.42
N THR A 54 6.11 -4.21 1.76
CA THR A 54 4.66 -4.29 2.09
C THR A 54 4.00 -5.24 1.08
N ARG A 55 2.67 -5.26 1.05
CA ARG A 55 1.93 -6.15 0.11
C ARG A 55 1.96 -5.55 -1.31
N ASN A 56 2.41 -4.30 -1.47
CA ASN A 56 2.07 -3.43 -2.62
C ASN A 56 2.71 -4.00 -3.88
N PRO A 57 2.08 -3.81 -5.05
CA PRO A 57 2.67 -4.22 -6.33
C PRO A 57 4.01 -3.52 -6.53
N PRO A 58 4.98 -4.18 -7.15
CA PRO A 58 6.23 -3.52 -7.54
C PRO A 58 6.01 -2.44 -8.61
N TYR A 59 7.06 -1.66 -8.83
CA TYR A 59 7.14 -0.60 -9.86
C TYR A 59 8.04 -1.05 -11.01
N TYR A 60 7.69 -0.65 -12.23
CA TYR A 60 8.42 -1.02 -13.47
C TYR A 60 8.66 0.24 -14.29
N SER A 61 9.83 0.32 -14.89
CA SER A 61 10.05 1.22 -16.03
C SER A 61 9.04 0.91 -17.17
N GLY A 62 8.54 1.95 -17.80
CA GLY A 62 7.82 1.89 -19.09
C GLY A 62 8.59 1.15 -20.18
N SER A 63 9.93 1.20 -20.17
CA SER A 63 10.78 0.47 -21.15
C SER A 63 10.63 -1.04 -21.05
N VAL A 64 10.19 -1.60 -19.92
CA VAL A 64 10.14 -3.09 -19.83
C VAL A 64 8.68 -3.57 -19.74
N LYS A 65 7.76 -2.61 -19.67
CA LYS A 65 6.38 -2.78 -19.09
C LYS A 65 5.83 -4.19 -19.30
N GLY A 66 5.50 -4.97 -18.31
CA GLY A 66 4.81 -6.22 -18.67
C GLY A 66 5.74 -7.37 -19.03
N ARG A 67 6.93 -7.13 -19.54
CA ARG A 67 7.87 -8.20 -19.96
C ARG A 67 8.60 -8.71 -18.71
N PHE A 68 8.78 -7.85 -17.72
CA PHE A 68 9.67 -8.09 -16.56
C PHE A 68 8.82 -8.29 -15.32
N THR A 69 9.31 -9.12 -14.38
CA THR A 69 8.67 -9.32 -13.06
C THR A 69 9.74 -9.36 -11.96
N VAL A 70 9.64 -8.48 -11.00
CA VAL A 70 10.53 -8.47 -9.82
C VAL A 70 9.74 -9.14 -8.70
N SER A 71 10.45 -9.95 -7.92
CA SER A 71 9.88 -10.71 -6.80
C SER A 71 10.96 -10.90 -5.74
N ARG A 72 10.54 -11.19 -4.52
CA ARG A 72 11.50 -11.34 -3.38
C ARG A 72 11.12 -12.60 -2.60
N ASP A 73 12.16 -13.31 -2.14
CA ASP A 73 12.03 -14.47 -1.22
C ASP A 73 12.83 -14.09 0.03
N ASN A 74 12.12 -13.64 1.07
CA ASN A 74 12.70 -13.04 2.29
C ASN A 74 13.48 -14.11 3.06
N ALA A 75 12.95 -15.34 3.09
CA ALA A 75 13.63 -16.54 3.64
C ALA A 75 14.98 -16.76 2.94
N LYS A 76 15.10 -16.50 1.63
CA LYS A 76 16.33 -16.77 0.85
C LYS A 76 17.19 -15.49 0.74
N GLU A 77 16.74 -14.38 1.29
CA GLU A 77 17.42 -13.07 1.23
C GLU A 77 17.78 -12.80 -0.24
N THR A 78 16.85 -13.11 -1.14
CA THR A 78 17.06 -13.03 -2.62
C THR A 78 15.92 -12.24 -3.25
N VAL A 79 16.26 -11.31 -4.16
CA VAL A 79 15.28 -10.65 -5.07
C VAL A 79 15.56 -11.17 -6.48
N TYR A 80 14.53 -11.38 -7.31
CA TYR A 80 14.64 -11.91 -8.68
C TYR A 80 14.09 -10.90 -9.70
N LEU A 81 14.60 -11.00 -10.91
CA LEU A 81 14.11 -10.24 -12.07
C LEU A 81 13.97 -11.24 -13.23
N GLN A 82 12.75 -11.73 -13.42
CA GLN A 82 12.34 -12.55 -14.57
C GLN A 82 12.24 -11.58 -15.74
N MET A 83 12.94 -11.85 -16.83
CA MET A 83 12.98 -10.98 -18.04
C MET A 83 12.54 -11.79 -19.25
N ASN A 84 11.35 -11.51 -19.79
CA ASN A 84 10.74 -12.18 -20.95
C ASN A 84 10.85 -11.35 -22.24
N ASP A 85 10.72 -12.06 -23.36
CA ASP A 85 10.65 -11.46 -24.73
C ASP A 85 11.79 -10.45 -24.89
N LEU A 86 13.03 -10.88 -24.62
CA LEU A 86 14.21 -9.98 -24.56
C LEU A 86 14.52 -9.51 -25.98
N LYS A 87 15.00 -8.28 -26.08
CA LYS A 87 15.39 -7.63 -27.35
C LYS A 87 16.82 -7.14 -27.20
N PRO A 88 17.55 -6.93 -28.33
CA PRO A 88 18.88 -6.36 -28.30
C PRO A 88 19.02 -5.09 -27.43
N GLU A 89 18.00 -4.23 -27.44
CA GLU A 89 17.88 -2.98 -26.64
C GLU A 89 17.90 -3.25 -25.13
N ASP A 90 17.75 -4.51 -24.71
CA ASP A 90 17.76 -4.86 -23.26
C ASP A 90 19.19 -5.19 -22.82
N SER A 91 20.15 -5.26 -23.75
CA SER A 91 21.57 -5.50 -23.45
C SER A 91 22.07 -4.40 -22.50
N ALA A 92 22.70 -4.78 -21.40
CA ALA A 92 23.25 -3.84 -20.39
C ALA A 92 23.90 -4.62 -19.27
N VAL A 93 24.64 -3.95 -18.39
CA VAL A 93 24.94 -4.52 -17.06
C VAL A 93 23.71 -4.22 -16.19
N TYR A 94 23.14 -5.25 -15.59
CA TYR A 94 21.99 -5.15 -14.65
C TYR A 94 22.52 -5.15 -13.21
N TYR A 95 22.00 -4.23 -12.44
CA TYR A 95 22.44 -4.07 -11.04
C TYR A 95 21.26 -4.09 -10.08
N CYS A 96 21.51 -4.64 -8.89
CA CYS A 96 20.55 -4.53 -7.77
C CYS A 96 21.12 -3.62 -6.69
N ALA A 97 20.21 -2.88 -6.09
CA ALA A 97 20.51 -1.87 -5.05
C ALA A 97 19.52 -2.06 -3.92
N ALA A 98 19.91 -1.70 -2.70
CA ALA A 98 19.06 -1.83 -1.52
C ALA A 98 19.15 -0.54 -0.71
N LYS A 99 18.03 -0.20 -0.07
CA LYS A 99 17.91 0.94 0.87
C LYS A 99 16.89 0.53 1.94
N ASP A 100 17.03 1.09 3.11
CA ASP A 100 16.05 0.79 4.17
C ASP A 100 14.72 1.35 3.68
N ALA A 101 13.65 0.61 3.90
CA ALA A 101 12.29 0.98 3.45
C ALA A 101 11.80 2.29 4.07
N SER A 102 12.26 2.68 5.25
CA SER A 102 11.83 3.95 5.88
C SER A 102 12.57 5.16 5.31
N VAL A 103 13.60 4.97 4.50
CA VAL A 103 14.34 6.15 4.02
C VAL A 103 13.81 6.58 2.65
N THR A 104 13.52 7.85 2.50
CA THR A 104 13.03 8.41 1.22
C THR A 104 14.20 9.00 0.44
N VAL A 105 14.25 8.72 -0.86
CA VAL A 105 15.32 9.24 -1.76
C VAL A 105 14.67 9.81 -3.03
N ALA A 106 15.42 10.66 -3.76
CA ALA A 106 14.98 11.36 -4.99
C ALA A 106 15.26 10.49 -6.21
N THR A 107 16.33 9.70 -6.16
CA THR A 107 16.80 8.87 -7.29
C THR A 107 17.23 7.50 -6.76
N ILE A 108 17.17 6.49 -7.63
CA ILE A 108 17.70 5.14 -7.32
C ILE A 108 19.20 5.29 -7.08
N GLU A 109 19.80 6.34 -7.63
CA GLU A 109 21.26 6.54 -7.45
C GLU A 109 21.59 6.82 -5.97
N ASP A 110 20.59 7.23 -5.20
CA ASP A 110 20.75 7.51 -3.74
C ASP A 110 20.64 6.24 -2.91
N TYR A 111 20.25 5.10 -3.47
CA TYR A 111 20.31 3.83 -2.70
C TYR A 111 21.75 3.64 -2.24
N PRO A 112 22.03 3.29 -0.96
CA PRO A 112 23.41 3.14 -0.49
C PRO A 112 24.14 1.87 -0.90
N TYR A 113 23.42 0.78 -1.11
CA TYR A 113 23.98 -0.58 -1.22
C TYR A 113 23.78 -1.06 -2.65
N TRP A 114 24.87 -1.40 -3.33
CA TRP A 114 24.81 -1.84 -4.74
C TRP A 114 25.62 -3.12 -4.92
N GLY A 115 25.20 -3.98 -5.85
CA GLY A 115 26.03 -5.09 -6.30
C GLY A 115 27.00 -4.64 -7.35
N ARG A 116 27.81 -5.57 -7.87
CA ARG A 116 28.83 -5.33 -8.91
C ARG A 116 28.22 -5.46 -10.32
N GLY A 117 26.97 -5.93 -10.44
CA GLY A 117 26.27 -6.00 -11.74
C GLY A 117 26.46 -7.37 -12.39
N THR A 118 25.52 -7.77 -13.28
CA THR A 118 25.67 -8.99 -14.11
C THR A 118 25.38 -8.61 -15.56
N GLN A 119 26.19 -9.09 -16.50
CA GLN A 119 26.10 -8.69 -17.92
C GLN A 119 24.98 -9.48 -18.59
N VAL A 120 24.13 -8.77 -19.31
CA VAL A 120 23.06 -9.37 -20.15
C VAL A 120 23.33 -8.90 -21.58
N THR A 121 23.51 -9.83 -22.50
CA THR A 121 23.61 -9.51 -23.96
C THR A 121 22.53 -10.30 -24.67
N VAL A 122 21.74 -9.59 -25.47
CA VAL A 122 20.63 -10.18 -26.27
C VAL A 122 20.99 -9.95 -27.74
N SER A 123 21.02 -11.01 -28.52
CA SER A 123 21.58 -11.05 -29.89
C SER A 123 20.56 -11.74 -30.82
N SER A 124 20.23 -11.12 -31.95
CA SER A 124 19.39 -11.72 -33.01
C SER A 124 20.26 -12.60 -33.92
N GLU A 125 21.58 -12.65 -33.68
CA GLU A 125 22.51 -13.48 -34.48
C GLU A 125 22.37 -14.94 -34.04
N ASN A 126 22.00 -15.84 -34.96
CA ASN A 126 21.75 -17.27 -34.67
C ASN A 126 23.10 -17.99 -34.52
N LEU A 127 23.84 -17.65 -33.46
CA LEU A 127 24.88 -18.50 -32.82
C LEU A 127 24.19 -19.32 -31.71
N TYR A 128 22.91 -19.66 -31.93
CA TYR A 128 22.05 -20.38 -30.96
C TYR A 128 21.47 -21.63 -31.64
N GLN B 1 -25.98 11.22 2.22
CA GLN B 1 -24.84 10.24 2.34
C GLN B 1 -25.01 9.41 3.60
N VAL B 2 -24.55 8.15 3.57
CA VAL B 2 -24.29 7.36 4.79
C VAL B 2 -22.79 7.03 4.81
N GLN B 3 -22.24 6.94 6.02
CA GLN B 3 -20.93 6.30 6.30
C GLN B 3 -21.20 4.94 6.94
N LEU B 4 -20.47 3.93 6.49
CA LEU B 4 -20.72 2.51 6.86
C LEU B 4 -19.50 1.96 7.58
N GLN B 5 -19.72 1.06 8.50
CA GLN B 5 -18.61 0.36 9.21
C GLN B 5 -19.12 -1.03 9.53
N GLU B 6 -18.42 -2.04 8.99
CA GLU B 6 -18.66 -3.47 9.30
C GLU B 6 -17.93 -3.80 10.59
N SER B 7 -18.50 -4.76 11.33
CA SER B 7 -17.92 -5.36 12.54
C SER B 7 -18.47 -6.77 12.65
N GLY B 8 -17.84 -7.55 13.54
CA GLY B 8 -18.31 -8.88 13.95
C GLY B 8 -17.50 -10.00 13.31
N GLY B 9 -16.44 -9.66 12.57
CA GLY B 9 -15.52 -10.65 12.01
C GLY B 9 -14.68 -11.35 13.06
N GLY B 10 -13.84 -12.25 12.59
CA GLY B 10 -12.94 -13.05 13.43
C GLY B 10 -12.56 -14.36 12.78
N LEU B 11 -12.15 -15.28 13.63
CA LEU B 11 -11.59 -16.60 13.32
C LEU B 11 -12.54 -17.61 13.97
N VAL B 12 -13.24 -18.39 13.16
CA VAL B 12 -14.31 -19.27 13.65
C VAL B 12 -14.09 -20.67 13.10
N GLN B 13 -14.49 -21.65 13.90
CA GLN B 13 -14.38 -23.07 13.53
C GLN B 13 -15.37 -23.36 12.39
N THR B 14 -14.92 -24.12 11.39
CA THR B 14 -15.81 -24.72 10.38
C THR B 14 -17.05 -25.28 11.07
N GLY B 15 -18.23 -24.97 10.50
CA GLY B 15 -19.53 -25.44 11.01
C GLY B 15 -20.19 -24.38 11.87
N GLY B 16 -19.43 -23.43 12.40
CA GLY B 16 -19.97 -22.39 13.28
C GLY B 16 -20.69 -21.27 12.53
N SER B 17 -21.01 -20.22 13.27
CA SER B 17 -21.69 -18.99 12.77
C SER B 17 -20.97 -17.74 13.24
N LEU B 18 -21.26 -16.67 12.53
CA LEU B 18 -20.96 -15.25 12.85
C LEU B 18 -22.23 -14.46 12.54
N ARG B 19 -22.26 -13.24 13.05
CA ARG B 19 -23.23 -12.24 12.60
C ARG B 19 -22.47 -10.95 12.40
N LEU B 20 -22.33 -10.54 11.14
CA LEU B 20 -21.67 -9.26 10.85
C LEU B 20 -22.70 -8.17 11.04
N SER B 21 -22.24 -7.04 11.54
CA SER B 21 -23.01 -5.76 11.59
C SER B 21 -22.36 -4.72 10.67
N CYS B 22 -23.20 -3.99 9.99
CA CYS B 22 -22.88 -2.80 9.20
C CYS B 22 -23.67 -1.66 9.83
N LYS B 23 -22.98 -0.80 10.57
CA LYS B 23 -23.63 0.38 11.23
C LYS B 23 -23.52 1.59 10.30
N ALA B 24 -24.62 2.28 10.11
CA ALA B 24 -24.68 3.48 9.24
C ALA B 24 -24.70 4.72 10.15
N SER B 25 -24.06 5.79 9.68
CA SER B 25 -24.20 7.19 10.16
C SER B 25 -24.68 8.03 8.98
N GLY B 26 -25.78 8.76 9.15
CA GLY B 26 -26.21 9.75 8.16
C GLY B 26 -27.73 9.83 8.12
N ARG B 27 -28.25 10.65 7.23
CA ARG B 27 -29.71 10.91 7.11
C ARG B 27 -30.33 9.70 6.40
N ALA B 28 -31.48 9.22 6.90
CA ALA B 28 -32.47 8.47 6.12
C ALA B 28 -31.92 7.08 5.72
N PHE B 29 -31.41 6.31 6.70
CA PHE B 29 -31.01 4.89 6.53
C PHE B 29 -32.10 4.08 5.80
N ALA B 30 -33.38 4.28 6.17
CA ALA B 30 -34.57 3.51 5.69
C ALA B 30 -34.80 3.62 4.18
N ARG B 31 -34.17 4.58 3.50
CA ARG B 31 -34.31 4.83 2.03
C ARG B 31 -33.17 4.19 1.22
N TYR B 32 -32.17 3.63 1.89
CA TYR B 32 -31.04 2.94 1.22
C TYR B 32 -31.30 1.43 1.11
N ASP B 33 -30.96 0.88 -0.06
CA ASP B 33 -30.67 -0.55 -0.27
C ASP B 33 -29.27 -0.80 0.29
N LEU B 34 -29.05 -1.95 0.92
CA LEU B 34 -27.76 -2.36 1.51
C LEU B 34 -27.38 -3.72 0.87
N ALA B 35 -26.10 -3.86 0.51
CA ALA B 35 -25.58 -5.08 -0.12
C ALA B 35 -24.30 -5.51 0.59
N TRP B 36 -24.21 -6.80 0.87
CA TRP B 36 -22.96 -7.44 1.35
C TRP B 36 -22.22 -8.05 0.16
N SER B 37 -20.90 -7.88 0.16
CA SER B 37 -20.01 -8.53 -0.84
C SER B 37 -18.83 -9.11 -0.06
N ARG B 38 -18.04 -9.98 -0.68
CA ARG B 38 -16.87 -10.55 -0.01
C ARG B 38 -15.76 -10.76 -1.04
N GLN B 39 -14.52 -10.64 -0.60
CA GLN B 39 -13.36 -10.84 -1.49
C GLN B 39 -12.35 -11.70 -0.76
N ALA B 40 -12.12 -12.90 -1.31
CA ALA B 40 -11.14 -13.89 -0.83
C ALA B 40 -9.80 -13.64 -1.52
N PRO B 41 -8.68 -14.04 -0.88
CA PRO B 41 -7.35 -13.72 -1.37
C PRO B 41 -7.20 -14.11 -2.85
N GLY B 42 -6.83 -13.15 -3.69
CA GLY B 42 -6.58 -13.36 -5.13
C GLY B 42 -7.82 -13.79 -5.89
N LYS B 43 -9.00 -13.31 -5.49
CA LYS B 43 -10.25 -13.48 -6.28
C LYS B 43 -10.96 -12.15 -6.40
N GLN B 44 -11.84 -12.07 -7.39
CA GLN B 44 -12.71 -10.92 -7.64
C GLN B 44 -13.67 -10.81 -6.44
N ARG B 45 -13.98 -9.60 -6.05
CA ARG B 45 -15.00 -9.36 -5.02
C ARG B 45 -16.35 -9.79 -5.60
N GLU B 46 -17.16 -10.50 -4.82
CA GLU B 46 -18.41 -11.14 -5.34
C GLU B 46 -19.59 -10.78 -4.42
N PHE B 47 -20.77 -10.77 -5.00
CA PHE B 47 -22.04 -10.49 -4.32
C PHE B 47 -22.31 -11.59 -3.31
N VAL B 48 -22.84 -11.21 -2.16
CA VAL B 48 -23.28 -12.17 -1.11
C VAL B 48 -24.78 -12.06 -0.91
N ALA B 49 -25.26 -10.87 -0.53
CA ALA B 49 -26.66 -10.70 -0.11
C ALA B 49 -27.04 -9.23 -0.17
N SER B 50 -28.31 -8.95 -0.43
CA SER B 50 -28.81 -7.56 -0.51
C SER B 50 -30.25 -7.49 0.01
N ILE B 51 -30.56 -6.38 0.66
CA ILE B 51 -31.87 -6.11 1.30
C ILE B 51 -32.31 -4.72 0.82
N GLY B 52 -33.58 -4.65 0.43
CA GLY B 52 -34.22 -3.43 -0.06
C GLY B 52 -34.96 -2.72 1.07
N VAL B 53 -35.88 -1.84 0.69
CA VAL B 53 -36.58 -0.92 1.63
C VAL B 53 -38.06 -1.30 1.72
N THR B 54 -38.49 -2.41 1.13
CA THR B 54 -39.91 -2.85 1.10
C THR B 54 -40.04 -4.16 1.88
N ARG B 55 -41.20 -4.81 1.86
CA ARG B 55 -41.39 -6.09 2.59
C ARG B 55 -40.78 -7.25 1.78
N ASN B 56 -40.32 -7.00 0.55
CA ASN B 56 -39.80 -8.04 -0.38
C ASN B 56 -38.61 -8.75 0.23
N PRO B 57 -38.51 -10.08 0.01
CA PRO B 57 -37.39 -10.87 0.54
C PRO B 57 -36.05 -10.37 -0.02
N PRO B 58 -34.98 -10.47 0.79
CA PRO B 58 -33.63 -10.23 0.28
C PRO B 58 -33.20 -11.13 -0.90
N TYR B 59 -32.07 -10.81 -1.54
CA TYR B 59 -31.42 -11.65 -2.57
C TYR B 59 -30.14 -12.23 -2.00
N TYR B 60 -29.82 -13.46 -2.41
CA TYR B 60 -28.64 -14.22 -1.98
C TYR B 60 -27.90 -14.75 -3.21
N SER B 61 -26.58 -14.72 -3.13
CA SER B 61 -25.72 -15.54 -4.02
C SER B 61 -26.06 -17.02 -3.83
N GLY B 62 -26.06 -17.80 -4.91
CA GLY B 62 -26.15 -19.27 -4.81
C GLY B 62 -25.03 -19.88 -3.96
N SER B 63 -23.85 -19.26 -3.87
CA SER B 63 -22.75 -19.83 -3.03
C SER B 63 -23.14 -19.94 -1.54
N VAL B 64 -24.07 -19.14 -1.04
CA VAL B 64 -24.40 -19.06 0.41
C VAL B 64 -25.86 -19.44 0.72
N LYS B 65 -26.73 -19.55 -0.29
CA LYS B 65 -28.22 -19.57 -0.13
C LYS B 65 -28.60 -20.57 0.97
N GLY B 66 -29.54 -20.21 1.83
CA GLY B 66 -29.92 -21.08 2.94
C GLY B 66 -29.04 -20.89 4.18
N ARG B 67 -27.74 -20.61 4.05
CA ARG B 67 -26.82 -20.55 5.21
C ARG B 67 -26.78 -19.11 5.78
N PHE B 68 -26.99 -18.10 4.95
CA PHE B 68 -26.84 -16.68 5.35
C PHE B 68 -28.23 -16.04 5.34
N THR B 69 -28.42 -15.04 6.19
CA THR B 69 -29.63 -14.22 6.33
C THR B 69 -29.18 -12.77 6.51
N VAL B 70 -29.62 -11.91 5.61
CA VAL B 70 -29.43 -10.45 5.73
C VAL B 70 -30.72 -9.91 6.35
N SER B 71 -30.59 -9.02 7.32
CA SER B 71 -31.73 -8.33 7.97
C SER B 71 -31.32 -6.88 8.29
N ARG B 72 -32.29 -5.99 8.44
CA ARG B 72 -32.00 -4.58 8.78
C ARG B 72 -32.85 -4.21 9.99
N ASP B 73 -32.30 -3.35 10.85
CA ASP B 73 -33.01 -2.72 12.00
C ASP B 73 -32.90 -1.21 11.78
N ASN B 74 -33.92 -0.63 11.14
CA ASN B 74 -33.92 0.78 10.67
C ASN B 74 -33.76 1.76 11.86
N ALA B 75 -34.26 1.45 13.06
CA ALA B 75 -34.12 2.32 14.25
C ALA B 75 -32.67 2.29 14.73
N LYS B 76 -31.98 1.15 14.60
CA LYS B 76 -30.55 1.03 15.00
C LYS B 76 -29.64 1.42 13.82
N GLU B 77 -30.20 1.77 12.65
CA GLU B 77 -29.42 2.12 11.42
C GLU B 77 -28.34 1.04 11.19
N THR B 78 -28.74 -0.23 11.21
CA THR B 78 -27.82 -1.40 11.19
C THR B 78 -28.40 -2.48 10.26
N VAL B 79 -27.58 -3.02 9.36
CA VAL B 79 -27.86 -4.25 8.54
C VAL B 79 -26.97 -5.36 9.12
N TYR B 80 -27.53 -6.56 9.24
CA TYR B 80 -26.81 -7.75 9.79
C TYR B 80 -26.63 -8.77 8.66
N LEU B 81 -25.62 -9.59 8.82
CA LEU B 81 -25.42 -10.79 7.97
C LEU B 81 -25.15 -11.95 8.92
N GLN B 82 -26.20 -12.72 9.20
CA GLN B 82 -26.10 -13.96 10.01
C GLN B 82 -25.50 -14.99 9.04
N MET B 83 -24.45 -15.69 9.44
CA MET B 83 -23.74 -16.66 8.57
C MET B 83 -23.63 -17.98 9.30
N ASN B 84 -24.37 -19.01 8.88
CA ASN B 84 -24.37 -20.33 9.55
C ASN B 84 -23.65 -21.37 8.70
N ASP B 85 -23.23 -22.45 9.34
CA ASP B 85 -22.60 -23.63 8.68
CA ASP B 85 -22.61 -23.62 8.67
C ASP B 85 -21.42 -23.16 7.82
N LEU B 86 -20.58 -22.32 8.41
CA LEU B 86 -19.46 -21.69 7.69
C LEU B 86 -18.45 -22.75 7.24
N LYS B 87 -17.82 -22.49 6.09
CA LYS B 87 -16.77 -23.39 5.55
C LYS B 87 -15.54 -22.57 5.24
N PRO B 88 -14.35 -23.22 5.13
CA PRO B 88 -13.14 -22.50 4.78
C PRO B 88 -13.34 -21.57 3.57
N GLU B 89 -14.12 -22.00 2.56
CA GLU B 89 -14.38 -21.24 1.30
C GLU B 89 -15.12 -19.92 1.58
N ASP B 90 -15.71 -19.75 2.76
CA ASP B 90 -16.37 -18.47 3.15
C ASP B 90 -15.35 -17.44 3.65
N SER B 91 -14.10 -17.85 3.90
CA SER B 91 -13.02 -16.92 4.34
C SER B 91 -12.84 -15.80 3.31
N ALA B 92 -12.83 -14.55 3.76
CA ALA B 92 -12.83 -13.36 2.89
C ALA B 92 -12.89 -12.10 3.75
N VAL B 93 -12.62 -10.95 3.13
CA VAL B 93 -13.01 -9.62 3.66
C VAL B 93 -14.46 -9.42 3.23
N TYR B 94 -15.35 -9.22 4.20
CA TYR B 94 -16.78 -8.94 3.96
C TYR B 94 -16.98 -7.43 3.99
N TYR B 95 -17.70 -6.92 3.00
CA TYR B 95 -18.00 -5.48 2.86
C TYR B 95 -19.49 -5.24 2.86
N CYS B 96 -19.93 -4.10 3.40
CA CYS B 96 -21.33 -3.65 3.21
C CYS B 96 -21.29 -2.35 2.41
N ALA B 97 -22.30 -2.15 1.57
CA ALA B 97 -22.39 -1.00 0.67
C ALA B 97 -23.84 -0.56 0.58
N ALA B 98 -24.06 0.73 0.36
CA ALA B 98 -25.41 1.30 0.31
C ALA B 98 -25.57 2.09 -0.96
N LYS B 99 -26.80 2.11 -1.47
CA LYS B 99 -27.22 2.96 -2.58
C LYS B 99 -28.67 3.39 -2.33
N ASP B 100 -29.07 4.53 -2.89
CA ASP B 100 -30.48 4.97 -2.84
C ASP B 100 -31.33 3.91 -3.55
N ALA B 101 -32.41 3.46 -2.90
CA ALA B 101 -33.32 2.39 -3.38
C ALA B 101 -33.91 2.79 -4.73
N SER B 102 -33.87 4.08 -5.08
CA SER B 102 -34.42 4.62 -6.35
C SER B 102 -33.35 4.64 -7.45
N VAL B 103 -32.09 4.27 -7.18
CA VAL B 103 -31.01 4.28 -8.21
C VAL B 103 -30.72 2.84 -8.68
N THR B 104 -30.67 2.66 -9.99
CA THR B 104 -30.21 1.39 -10.65
C THR B 104 -28.72 1.56 -10.95
N VAL B 105 -27.91 0.53 -10.67
CA VAL B 105 -26.47 0.50 -11.03
C VAL B 105 -26.17 -0.77 -11.80
N ALA B 106 -25.08 -0.76 -12.57
CA ALA B 106 -24.74 -1.89 -13.42
C ALA B 106 -24.18 -3.06 -12.61
N THR B 107 -23.38 -2.78 -11.58
CA THR B 107 -22.59 -3.76 -10.78
C THR B 107 -22.63 -3.34 -9.31
N ILE B 108 -22.39 -4.28 -8.39
CA ILE B 108 -22.25 -3.97 -6.94
C ILE B 108 -21.12 -2.95 -6.76
N GLU B 109 -20.14 -2.91 -7.69
CA GLU B 109 -18.98 -1.99 -7.53
C GLU B 109 -19.43 -0.54 -7.73
N ASP B 110 -20.67 -0.30 -8.19
CA ASP B 110 -21.16 1.07 -8.47
C ASP B 110 -21.96 1.62 -7.30
N TYR B 111 -22.23 0.82 -6.25
CA TYR B 111 -22.82 1.34 -4.99
C TYR B 111 -21.94 2.49 -4.49
N PRO B 112 -22.51 3.66 -4.16
CA PRO B 112 -21.69 4.83 -3.83
C PRO B 112 -21.01 4.78 -2.46
N TYR B 113 -21.64 4.16 -1.45
CA TYR B 113 -21.19 4.23 -0.03
C TYR B 113 -20.76 2.85 0.46
N TRP B 114 -19.53 2.76 0.98
CA TRP B 114 -18.92 1.48 1.39
C TRP B 114 -18.29 1.60 2.77
N GLY B 115 -18.26 0.48 3.49
CA GLY B 115 -17.41 0.29 4.67
C GLY B 115 -16.03 -0.13 4.22
N ARG B 116 -15.11 -0.32 5.15
CA ARG B 116 -13.71 -0.68 4.86
C ARG B 116 -13.51 -2.19 4.93
N GLY B 117 -14.52 -2.94 5.38
CA GLY B 117 -14.50 -4.41 5.35
C GLY B 117 -14.23 -4.97 6.71
N THR B 118 -14.61 -6.23 6.94
CA THR B 118 -14.28 -7.03 8.16
C THR B 118 -13.77 -8.41 7.71
N GLN B 119 -12.67 -8.87 8.29
CA GLN B 119 -12.09 -10.19 7.94
C GLN B 119 -12.84 -11.30 8.66
N VAL B 120 -13.21 -12.32 7.89
CA VAL B 120 -13.76 -13.59 8.37
C VAL B 120 -12.83 -14.71 7.94
N THR B 121 -12.31 -15.46 8.90
CA THR B 121 -11.47 -16.64 8.60
C THR B 121 -12.15 -17.85 9.21
N VAL B 122 -12.49 -18.84 8.38
CA VAL B 122 -13.13 -20.09 8.83
C VAL B 122 -12.09 -21.21 8.78
N SER B 123 -11.93 -21.94 9.89
CA SER B 123 -10.83 -22.90 10.10
C SER B 123 -11.34 -24.25 10.58
N SER B 124 -10.83 -25.32 9.98
CA SER B 124 -11.13 -26.74 10.32
C SER B 124 -10.08 -27.29 11.30
N GLU B 125 -8.97 -26.58 11.46
CA GLU B 125 -7.86 -26.93 12.40
C GLU B 125 -8.46 -27.27 13.78
N GLN C 1 -1.54 2.18 3.87
CA GLN C 1 -0.33 1.90 4.72
C GLN C 1 0.23 3.22 5.28
N VAL C 2 1.27 3.16 6.12
CA VAL C 2 1.79 4.37 6.82
C VAL C 2 3.31 4.50 6.62
N GLN C 3 3.76 5.75 6.46
CA GLN C 3 5.18 6.18 6.56
C GLN C 3 5.36 6.81 7.95
N LEU C 4 6.48 6.50 8.59
CA LEU C 4 6.83 6.89 9.99
C LEU C 4 8.16 7.62 9.98
N GLN C 5 8.27 8.65 10.80
CA GLN C 5 9.52 9.42 10.91
C GLN C 5 9.64 9.87 12.37
N GLU C 6 10.74 9.51 13.01
CA GLU C 6 11.05 9.87 14.43
C GLU C 6 11.77 11.23 14.43
N SER C 7 11.54 12.04 15.47
CA SER C 7 12.07 13.40 15.75
C SER C 7 12.39 13.53 17.25
N GLY C 8 13.33 14.37 17.65
CA GLY C 8 13.50 14.81 19.05
C GLY C 8 14.63 14.10 19.77
N GLY C 9 15.45 13.34 19.03
CA GLY C 9 16.69 12.81 19.56
C GLY C 9 17.69 13.90 19.87
N GLY C 10 18.81 13.50 20.46
CA GLY C 10 20.01 14.34 20.60
C GLY C 10 20.96 13.82 21.63
N LEU C 11 21.74 14.74 22.20
CA LEU C 11 22.77 14.47 23.20
C LEU C 11 22.34 15.20 24.46
N VAL C 12 22.03 14.46 25.52
CA VAL C 12 21.39 15.04 26.72
C VAL C 12 22.21 14.57 27.92
N GLN C 13 22.28 15.43 28.93
CA GLN C 13 22.97 15.11 30.20
C GLN C 13 22.17 14.09 31.00
N THR C 14 22.86 13.11 31.57
CA THR C 14 22.32 12.21 32.64
C THR C 14 21.36 12.99 33.55
N GLY C 15 20.18 12.40 33.80
CA GLY C 15 19.17 12.96 34.70
C GLY C 15 18.21 13.85 33.93
N GLY C 16 18.57 14.21 32.71
CA GLY C 16 17.64 14.92 31.81
C GLY C 16 16.50 14.06 31.30
N SER C 17 15.70 14.70 30.45
CA SER C 17 14.53 14.17 29.75
C SER C 17 14.65 14.45 28.25
N LEU C 18 13.95 13.65 27.48
CA LEU C 18 13.66 13.91 26.05
C LEU C 18 12.20 13.60 25.84
N ARG C 19 11.69 14.11 24.73
CA ARG C 19 10.41 13.64 24.20
C ARG C 19 10.58 13.35 22.73
N LEU C 20 10.55 12.08 22.39
CA LEU C 20 10.57 11.65 20.98
C LEU C 20 9.14 11.75 20.44
N SER C 21 9.01 12.17 19.18
CA SER C 21 7.75 12.06 18.42
C SER C 21 7.96 11.17 17.20
N CYS C 22 6.90 10.46 16.85
CA CYS C 22 6.86 9.62 15.64
C CYS C 22 5.63 10.07 14.83
N LYS C 23 5.87 10.78 13.72
CA LYS C 23 4.79 11.34 12.87
C LYS C 23 4.45 10.30 11.80
N ALA C 24 3.16 10.04 11.62
CA ALA C 24 2.63 9.11 10.61
C ALA C 24 2.04 9.92 9.44
N SER C 25 2.24 9.46 8.21
CA SER C 25 1.51 9.91 7.00
C SER C 25 0.93 8.67 6.32
N GLY C 26 -0.24 8.80 5.69
CA GLY C 26 -1.12 7.67 5.32
C GLY C 26 -2.41 7.76 6.13
N ARG C 27 -3.31 6.79 5.99
CA ARG C 27 -4.73 6.91 6.44
C ARG C 27 -4.96 6.04 7.69
N ALA C 28 -6.05 6.33 8.41
CA ALA C 28 -6.57 5.60 9.59
C ALA C 28 -5.44 5.41 10.61
N PHE C 29 -4.72 6.47 10.93
CA PHE C 29 -3.67 6.44 11.99
C PHE C 29 -4.32 5.88 13.24
N ALA C 30 -5.59 6.22 13.48
CA ALA C 30 -6.35 5.89 14.71
C ALA C 30 -6.54 4.37 14.85
N ARG C 31 -6.39 3.64 13.75
CA ARG C 31 -6.57 2.16 13.67
C ARG C 31 -5.25 1.40 13.94
N TYR C 32 -4.11 2.10 14.10
CA TYR C 32 -2.76 1.46 14.18
C TYR C 32 -2.30 1.34 15.64
N ASP C 33 -1.77 0.17 16.01
CA ASP C 33 -0.90 -0.01 17.20
C ASP C 33 0.48 0.59 16.88
N LEU C 34 1.09 1.31 17.82
CA LEU C 34 2.43 1.92 17.66
C LEU C 34 3.34 1.39 18.75
N ALA C 35 4.59 1.07 18.42
CA ALA C 35 5.57 0.59 19.43
C ALA C 35 6.87 1.35 19.26
N TRP C 36 7.54 1.64 20.37
CA TRP C 36 8.93 2.12 20.39
C TRP C 36 9.86 0.97 20.73
N SER C 37 11.00 0.91 20.07
CA SER C 37 12.10 -0.01 20.43
C SER C 37 13.39 0.80 20.36
N ARG C 38 14.46 0.23 20.85
CA ARG C 38 15.77 0.91 20.74
C ARG C 38 16.85 -0.13 20.51
N GLN C 39 17.94 0.31 19.88
CA GLN C 39 19.15 -0.53 19.73
C GLN C 39 20.36 0.23 20.24
N ALA C 40 20.92 -0.21 21.35
CA ALA C 40 22.13 0.31 21.98
C ALA C 40 23.34 -0.30 21.28
N PRO C 41 24.51 0.36 21.33
CA PRO C 41 25.70 -0.12 20.63
C PRO C 41 26.06 -1.54 21.06
N GLY C 42 26.23 -2.42 20.09
CA GLY C 42 26.66 -3.80 20.33
C GLY C 42 25.58 -4.68 20.95
N LYS C 43 24.29 -4.30 20.85
CA LYS C 43 23.17 -5.08 21.46
C LYS C 43 22.05 -5.22 20.43
N GLN C 44 21.24 -6.27 20.57
CA GLN C 44 20.02 -6.43 19.71
C GLN C 44 19.02 -5.32 20.09
N ARG C 45 18.20 -4.93 19.11
CA ARG C 45 17.00 -4.05 19.26
C ARG C 45 16.09 -4.67 20.34
N GLU C 46 15.70 -3.90 21.34
CA GLU C 46 14.80 -4.34 22.44
C GLU C 46 13.54 -3.47 22.47
N PHE C 47 12.45 -4.06 22.95
CA PHE C 47 11.15 -3.41 23.19
C PHE C 47 11.35 -2.25 24.14
N VAL C 48 10.68 -1.12 23.91
CA VAL C 48 10.64 -0.06 24.93
C VAL C 48 9.21 0.16 25.44
N ALA C 49 8.27 0.49 24.57
CA ALA C 49 6.88 0.82 24.96
C ALA C 49 5.95 0.62 23.78
N SER C 50 4.68 0.34 24.05
CA SER C 50 3.68 0.19 22.96
C SER C 50 2.35 0.80 23.40
N ILE C 51 1.57 1.24 22.42
CA ILE C 51 0.26 1.86 22.73
C ILE C 51 -0.76 1.40 21.69
N GLY C 52 -1.96 1.07 22.19
CA GLY C 52 -3.04 0.54 21.34
C GLY C 52 -4.04 1.63 21.00
N VAL C 53 -5.24 1.20 20.62
CA VAL C 53 -6.31 2.06 20.03
C VAL C 53 -7.51 2.14 20.98
N THR C 54 -7.47 1.40 22.10
CA THR C 54 -8.54 1.36 23.12
C THR C 54 -8.10 2.14 24.37
N ARG C 55 -8.86 2.02 25.45
CA ARG C 55 -8.59 2.72 26.73
C ARG C 55 -7.47 1.99 27.50
N ASN C 56 -7.10 0.76 27.11
CA ASN C 56 -6.12 -0.08 27.85
C ASN C 56 -4.80 0.65 27.98
N PRO C 57 -4.13 0.58 29.13
CA PRO C 57 -2.85 1.25 29.31
C PRO C 57 -1.82 0.70 28.32
N PRO C 58 -0.81 1.52 28.02
CA PRO C 58 0.34 1.07 27.25
C PRO C 58 1.11 -0.03 27.98
N TYR C 59 2.07 -0.63 27.29
CA TYR C 59 3.01 -1.65 27.83
C TYR C 59 4.43 -1.09 27.78
N TYR C 60 5.23 -1.43 28.78
CA TYR C 60 6.60 -0.88 28.96
C TYR C 60 7.57 -2.04 29.23
N SER C 61 8.77 -1.94 28.68
CA SER C 61 9.93 -2.77 29.09
C SER C 61 10.23 -2.51 30.56
N GLY C 62 10.61 -3.51 31.34
CA GLY C 62 11.16 -3.34 32.69
C GLY C 62 12.39 -2.43 32.74
N SER C 63 13.17 -2.34 31.65
CA SER C 63 14.35 -1.43 31.58
C SER C 63 13.97 0.05 31.74
N VAL C 64 12.76 0.46 31.43
CA VAL C 64 12.39 1.90 31.44
C VAL C 64 11.29 2.18 32.46
N LYS C 65 10.60 1.15 32.95
CA LYS C 65 9.23 1.27 33.55
C LYS C 65 9.22 2.42 34.56
N GLY C 66 8.17 3.23 34.56
CA GLY C 66 8.09 4.36 35.48
C GLY C 66 8.81 5.60 34.94
N ARG C 67 9.84 5.48 34.11
CA ARG C 67 10.61 6.66 33.64
C ARG C 67 10.04 7.16 32.31
N PHE C 68 9.46 6.28 31.51
CA PHE C 68 9.01 6.60 30.14
C PHE C 68 7.49 6.56 30.12
N THR C 69 6.92 7.42 29.28
CA THR C 69 5.47 7.48 28.97
C THR C 69 5.30 7.55 27.45
N VAL C 70 4.58 6.58 26.89
CA VAL C 70 4.10 6.60 25.48
C VAL C 70 2.66 7.15 25.46
N SER C 71 2.36 8.06 24.55
CA SER C 71 0.99 8.62 24.39
C SER C 71 0.73 8.86 22.90
N ARG C 72 -0.51 9.05 22.50
CA ARG C 72 -0.84 9.30 21.06
C ARG C 72 -1.80 10.49 20.96
N ASP C 73 -1.63 11.28 19.91
CA ASP C 73 -2.55 12.37 19.51
C ASP C 73 -3.05 12.02 18.10
N ASN C 74 -4.19 11.35 18.02
CA ASN C 74 -4.71 10.86 16.72
C ASN C 74 -4.91 12.04 15.78
N ALA C 75 -5.35 13.19 16.30
CA ALA C 75 -5.50 14.47 15.56
C ALA C 75 -4.22 14.76 14.77
N LYS C 76 -3.08 14.88 15.47
CA LYS C 76 -1.76 15.26 14.89
C LYS C 76 -1.06 14.05 14.27
N GLU C 77 -1.68 12.86 14.33
CA GLU C 77 -1.15 11.59 13.78
C GLU C 77 0.27 11.34 14.30
N THR C 78 0.48 11.59 15.59
CA THR C 78 1.80 11.52 16.25
C THR C 78 1.73 10.64 17.50
N VAL C 79 2.70 9.75 17.68
CA VAL C 79 2.93 9.03 18.96
C VAL C 79 4.17 9.68 19.59
N TYR C 80 4.17 9.79 20.91
CA TYR C 80 5.28 10.41 21.66
C TYR C 80 5.90 9.37 22.59
N LEU C 81 7.17 9.56 22.94
CA LEU C 81 7.83 8.82 24.04
C LEU C 81 8.47 9.86 24.95
N GLN C 82 7.82 10.20 26.06
CA GLN C 82 8.46 11.02 27.12
C GLN C 82 9.47 10.12 27.85
N MET C 83 10.69 10.56 27.98
CA MET C 83 11.80 9.80 28.59
C MET C 83 12.41 10.64 29.70
N ASN C 84 12.23 10.22 30.95
CA ASN C 84 12.72 10.96 32.14
C ASN C 84 13.90 10.24 32.80
N ASP C 85 14.64 10.98 33.65
CA ASP C 85 15.72 10.45 34.53
C ASP C 85 16.65 9.59 33.68
N LEU C 86 17.10 10.14 32.55
CA LEU C 86 17.94 9.39 31.59
C LEU C 86 19.31 9.05 32.21
N LYS C 87 19.83 7.91 31.80
CA LYS C 87 21.18 7.44 32.17
C LYS C 87 21.89 7.00 30.90
N PRO C 88 23.23 6.91 30.96
CA PRO C 88 24.02 6.46 29.81
C PRO C 88 23.54 5.16 29.14
N GLU C 89 23.02 4.21 29.91
CA GLU C 89 22.49 2.89 29.42
C GLU C 89 21.26 3.11 28.52
N ASP C 90 20.66 4.32 28.52
CA ASP C 90 19.51 4.63 27.65
C ASP C 90 20.00 5.09 26.27
N SER C 91 21.31 5.30 26.09
CA SER C 91 21.90 5.69 24.78
C SER C 91 21.59 4.57 23.76
N ALA C 92 21.02 4.94 22.62
CA ALA C 92 20.54 4.01 21.59
C ALA C 92 19.92 4.78 20.44
N VAL C 93 19.73 4.10 19.31
CA VAL C 93 18.82 4.57 18.22
C VAL C 93 17.43 4.08 18.62
N TYR C 94 16.47 5.00 18.69
CA TYR C 94 15.07 4.74 19.08
C TYR C 94 14.27 4.73 17.78
N TYR C 95 13.40 3.73 17.65
CA TYR C 95 12.59 3.48 16.44
C TYR C 95 11.14 3.42 16.82
N CYS C 96 10.25 3.97 16.00
CA CYS C 96 8.81 3.64 16.08
C CYS C 96 8.42 2.68 14.96
N ALA C 97 7.43 1.85 15.24
CA ALA C 97 6.88 0.86 14.28
C ALA C 97 5.37 0.84 14.45
N ALA C 98 4.64 0.53 13.38
CA ALA C 98 3.17 0.49 13.39
C ALA C 98 2.70 -0.85 12.84
N LYS C 99 1.54 -1.31 13.31
CA LYS C 99 0.80 -2.46 12.74
C LYS C 99 -0.70 -2.21 12.95
N ASP C 100 -1.52 -2.66 12.01
CA ASP C 100 -2.99 -2.51 12.15
C ASP C 100 -3.38 -3.16 13.49
N ALA C 101 -4.18 -2.48 14.31
CA ALA C 101 -4.66 -2.92 15.63
C ALA C 101 -5.22 -4.35 15.61
N SER C 102 -5.85 -4.77 14.51
CA SER C 102 -6.55 -6.08 14.45
C SER C 102 -5.56 -7.23 14.26
N VAL C 103 -4.30 -6.94 13.93
CA VAL C 103 -3.29 -7.97 13.58
C VAL C 103 -2.50 -8.39 14.83
N THR C 104 -2.37 -9.69 15.05
CA THR C 104 -1.51 -10.27 16.12
C THR C 104 -0.24 -10.76 15.44
N VAL C 105 0.91 -10.34 15.98
CA VAL C 105 2.26 -10.71 15.50
C VAL C 105 2.98 -11.35 16.67
N ALA C 106 3.99 -12.17 16.38
CA ALA C 106 4.81 -12.93 17.35
C ALA C 106 5.78 -11.98 18.09
N THR C 107 6.46 -11.11 17.34
CA THR C 107 7.52 -10.23 17.90
C THR C 107 7.40 -8.81 17.34
N ILE C 108 8.04 -7.86 18.00
CA ILE C 108 8.06 -6.43 17.60
C ILE C 108 8.64 -6.34 16.17
N GLU C 109 9.57 -7.21 15.81
CA GLU C 109 10.25 -7.17 14.48
C GLU C 109 9.25 -7.44 13.35
N ASP C 110 8.10 -8.05 13.65
CA ASP C 110 7.06 -8.39 12.63
C ASP C 110 6.16 -7.20 12.31
N TYR C 111 6.23 -6.10 13.07
CA TYR C 111 5.47 -4.88 12.70
C TYR C 111 5.90 -4.53 11.28
N PRO C 112 4.96 -4.36 10.33
CA PRO C 112 5.32 -4.07 8.94
C PRO C 112 6.01 -2.71 8.70
N TYR C 113 5.65 -1.67 9.45
CA TYR C 113 5.97 -0.25 9.15
C TYR C 113 6.93 0.30 10.22
N TRP C 114 8.10 0.78 9.78
CA TRP C 114 9.15 1.24 10.71
C TRP C 114 9.66 2.62 10.31
N GLY C 115 10.13 3.38 11.30
CA GLY C 115 10.82 4.65 11.01
C GLY C 115 12.31 4.42 10.82
N ARG C 116 13.04 5.43 10.36
CA ARG C 116 14.51 5.31 10.17
C ARG C 116 15.26 5.39 11.51
N GLY C 117 14.62 5.91 12.56
CA GLY C 117 15.23 5.98 13.90
C GLY C 117 15.68 7.39 14.26
N THR C 118 15.79 7.69 15.56
CA THR C 118 16.40 8.97 16.05
C THR C 118 17.45 8.60 17.11
N GLN C 119 18.63 9.21 17.01
CA GLN C 119 19.76 8.90 17.89
C GLN C 119 19.56 9.62 19.23
N VAL C 120 19.73 8.88 20.31
CA VAL C 120 19.72 9.41 21.69
C VAL C 120 21.08 9.03 22.29
N THR C 121 21.83 10.02 22.74
CA THR C 121 23.04 9.82 23.57
C THR C 121 22.86 10.51 24.91
N VAL C 122 23.04 9.76 26.01
CA VAL C 122 22.96 10.33 27.37
C VAL C 122 24.38 10.30 27.92
N SER C 123 24.86 11.44 28.44
CA SER C 123 26.26 11.55 28.91
C SER C 123 26.31 12.22 30.28
N SER C 124 27.15 11.67 31.16
CA SER C 124 27.51 12.24 32.48
C SER C 124 28.75 13.14 32.36
N GLU C 125 29.27 13.36 31.14
CA GLU C 125 30.41 14.27 30.85
C GLU C 125 29.92 15.73 30.88
N ASN C 126 30.07 16.41 32.02
CA ASN C 126 29.45 17.74 32.28
C ASN C 126 30.07 18.78 31.34
N LEU C 127 31.30 18.54 30.86
CA LEU C 127 32.02 19.42 29.90
C LEU C 127 31.12 19.69 28.68
N TYR C 128 30.36 18.68 28.25
CA TYR C 128 29.43 18.80 27.09
C TYR C 128 28.36 19.87 27.34
N PHE C 129 28.01 20.19 28.60
CA PHE C 129 26.69 20.81 28.98
C PHE C 129 26.86 22.12 29.77
N GLN C 130 28.03 22.39 30.36
CA GLN C 130 28.45 23.70 30.94
C GLN C 130 27.25 24.52 31.43
N GLN D 1 0.73 26.89 -7.79
CA GLN D 1 -0.40 26.00 -7.36
C GLN D 1 -1.16 25.53 -8.60
N VAL D 2 -1.62 24.28 -8.64
CA VAL D 2 -2.28 23.74 -9.85
C VAL D 2 -3.58 23.05 -9.45
N GLN D 3 -4.60 23.18 -10.29
CA GLN D 3 -5.91 22.53 -10.13
C GLN D 3 -6.02 21.46 -11.22
N LEU D 4 -6.45 20.25 -10.83
CA LEU D 4 -6.49 19.05 -11.72
C LEU D 4 -7.93 18.58 -11.82
N GLN D 5 -8.34 18.17 -13.01
CA GLN D 5 -9.67 17.56 -13.23
C GLN D 5 -9.49 16.35 -14.15
N GLU D 6 -9.92 15.18 -13.70
CA GLU D 6 -9.90 13.92 -14.49
C GLU D 6 -11.18 13.85 -15.33
N SER D 7 -11.09 13.28 -16.52
CA SER D 7 -12.27 12.90 -17.34
C SER D 7 -11.97 11.61 -18.12
N GLY D 8 -12.96 11.07 -18.82
CA GLY D 8 -12.80 9.91 -19.72
C GLY D 8 -13.21 8.62 -19.02
N GLY D 9 -13.78 8.70 -17.83
CA GLY D 9 -14.35 7.53 -17.14
C GLY D 9 -15.52 6.92 -17.90
N GLY D 10 -15.91 5.72 -17.50
CA GLY D 10 -17.03 5.05 -18.17
C GLY D 10 -17.30 3.68 -17.62
N LEU D 11 -18.26 3.02 -18.23
CA LEU D 11 -18.66 1.62 -17.96
C LEU D 11 -18.33 0.86 -19.25
N VAL D 12 -17.35 -0.01 -19.19
CA VAL D 12 -16.76 -0.58 -20.42
C VAL D 12 -16.71 -2.10 -20.26
N GLN D 13 -16.86 -2.79 -21.39
CA GLN D 13 -16.78 -4.26 -21.42
C GLN D 13 -15.36 -4.71 -21.09
N THR D 14 -15.25 -5.78 -20.31
CA THR D 14 -13.97 -6.49 -20.06
C THR D 14 -13.28 -6.69 -21.40
N GLY D 15 -11.99 -6.35 -21.50
CA GLY D 15 -11.20 -6.47 -22.74
C GLY D 15 -11.12 -5.16 -23.47
N GLY D 16 -11.99 -4.21 -23.13
CA GLY D 16 -12.02 -2.89 -23.78
C GLY D 16 -10.94 -1.95 -23.24
N SER D 17 -10.93 -0.75 -23.78
CA SER D 17 -9.96 0.33 -23.44
C SER D 17 -10.72 1.58 -22.99
N LEU D 18 -9.99 2.42 -22.27
CA LEU D 18 -10.35 3.82 -21.99
C LEU D 18 -9.09 4.64 -22.15
N ARG D 19 -9.27 5.95 -22.28
CA ARG D 19 -8.16 6.90 -22.13
C ARG D 19 -8.65 7.97 -21.19
N LEU D 20 -8.07 8.03 -20.00
CA LEU D 20 -8.33 9.10 -19.04
C LEU D 20 -7.48 10.33 -19.40
N SER D 21 -8.04 11.51 -19.19
CA SER D 21 -7.31 12.81 -19.28
C SER D 21 -7.31 13.44 -17.91
N CYS D 22 -6.21 14.07 -17.55
CA CYS D 22 -6.10 14.96 -16.39
C CYS D 22 -5.63 16.31 -16.94
N LYS D 23 -6.53 17.29 -16.98
CA LYS D 23 -6.29 18.69 -17.41
C LYS D 23 -5.91 19.54 -16.20
N ALA D 24 -4.83 20.31 -16.31
CA ALA D 24 -4.31 21.15 -15.23
C ALA D 24 -4.68 22.62 -15.51
N SER D 25 -5.02 23.37 -14.47
CA SER D 25 -5.11 24.86 -14.49
C SER D 25 -4.08 25.41 -13.50
N GLY D 26 -3.30 26.39 -13.92
CA GLY D 26 -2.27 27.01 -13.09
C GLY D 26 -0.97 27.23 -13.84
N ARG D 27 -0.03 27.92 -13.22
CA ARG D 27 1.28 28.29 -13.84
C ARG D 27 2.23 27.10 -13.70
N ALA D 28 3.12 26.98 -14.69
CA ALA D 28 4.33 26.13 -14.72
C ALA D 28 3.97 24.63 -14.73
N PHE D 29 3.02 24.19 -15.56
CA PHE D 29 2.59 22.77 -15.67
C PHE D 29 3.82 21.89 -15.97
N ALA D 30 4.76 22.38 -16.77
CA ALA D 30 5.94 21.62 -17.24
C ALA D 30 6.86 21.27 -16.05
N ARG D 31 6.73 21.95 -14.91
CA ARG D 31 7.62 21.81 -13.74
C ARG D 31 7.10 20.74 -12.76
N TYR D 32 5.93 20.15 -13.02
CA TYR D 32 5.23 19.22 -12.10
C TYR D 32 5.43 17.76 -12.53
N ASP D 33 5.68 16.89 -11.57
CA ASP D 33 5.52 15.41 -11.72
C ASP D 33 4.03 15.11 -11.55
N LEU D 34 3.49 14.17 -12.35
CA LEU D 34 2.07 13.76 -12.29
C LEU D 34 1.98 12.23 -12.12
N ALA D 35 1.04 11.78 -11.29
CA ALA D 35 0.84 10.35 -10.97
C ALA D 35 -0.65 10.07 -11.04
N TRP D 36 -0.98 8.95 -11.65
CA TRP D 36 -2.31 8.32 -11.56
C TRP D 36 -2.31 7.35 -10.39
N SER D 37 -3.43 7.32 -9.70
CA SER D 37 -3.76 6.44 -8.56
C SER D 37 -5.19 5.93 -8.75
N ARG D 38 -5.57 4.88 -8.05
CA ARG D 38 -6.96 4.41 -8.17
C ARG D 38 -7.38 3.84 -6.83
N GLN D 39 -8.68 3.88 -6.58
CA GLN D 39 -9.22 3.42 -5.30
C GLN D 39 -10.51 2.68 -5.58
N ALA D 40 -10.48 1.39 -5.36
CA ALA D 40 -11.68 0.52 -5.37
C ALA D 40 -12.49 0.80 -4.11
N PRO D 41 -13.84 0.73 -4.18
CA PRO D 41 -14.69 0.95 -3.01
C PRO D 41 -14.28 0.11 -1.79
N GLY D 42 -14.09 0.77 -0.65
CA GLY D 42 -13.78 0.13 0.64
C GLY D 42 -12.32 -0.26 0.78
N LYS D 43 -11.48 0.10 -0.20
CA LYS D 43 -10.06 -0.36 -0.25
C LYS D 43 -9.13 0.85 -0.29
N GLN D 44 -7.83 0.61 -0.06
CA GLN D 44 -6.78 1.66 -0.04
C GLN D 44 -6.51 2.13 -1.47
N ARG D 45 -6.26 3.43 -1.63
CA ARG D 45 -5.85 4.03 -2.92
C ARG D 45 -4.48 3.46 -3.29
N GLU D 46 -4.28 3.10 -4.55
CA GLU D 46 -3.03 2.45 -4.97
C GLU D 46 -2.42 3.22 -6.15
N PHE D 47 -1.09 3.22 -6.20
CA PHE D 47 -0.31 3.76 -7.34
C PHE D 47 -0.68 3.02 -8.64
N VAL D 48 -0.83 3.77 -9.72
CA VAL D 48 -1.00 3.18 -11.07
C VAL D 48 0.21 3.51 -11.95
N ALA D 49 0.50 4.79 -12.19
CA ALA D 49 1.52 5.24 -13.17
C ALA D 49 1.98 6.66 -12.84
N SER D 50 3.23 6.97 -13.12
CA SER D 50 3.77 8.34 -12.88
C SER D 50 4.66 8.75 -14.06
N ILE D 51 4.65 10.05 -14.36
CA ILE D 51 5.50 10.63 -15.45
C ILE D 51 6.13 11.92 -14.92
N GLY D 52 7.42 12.07 -15.16
CA GLY D 52 8.21 13.19 -14.63
C GLY D 52 8.36 14.23 -15.72
N VAL D 53 9.38 15.06 -15.63
CA VAL D 53 9.55 16.23 -16.54
C VAL D 53 10.74 15.99 -17.46
N THR D 54 11.38 14.81 -17.42
CA THR D 54 12.59 14.50 -18.24
C THR D 54 12.17 13.60 -19.43
N ARG D 55 13.13 13.09 -20.19
CA ARG D 55 12.84 12.07 -21.25
C ARG D 55 12.70 10.67 -20.62
N ASN D 56 12.93 10.50 -19.31
CA ASN D 56 12.93 9.14 -18.70
C ASN D 56 11.58 8.45 -18.90
N PRO D 57 11.58 7.12 -19.08
CA PRO D 57 10.32 6.37 -19.17
C PRO D 57 9.50 6.60 -17.90
N PRO D 58 8.16 6.61 -18.01
CA PRO D 58 7.33 6.60 -16.83
C PRO D 58 7.50 5.32 -15.99
N TYR D 59 6.85 5.32 -14.83
CA TYR D 59 6.81 4.20 -13.88
C TYR D 59 5.38 3.67 -13.84
N TYR D 60 5.23 2.36 -13.71
CA TYR D 60 3.92 1.65 -13.64
C TYR D 60 3.88 0.70 -12.46
N SER D 61 2.72 0.60 -11.81
CA SER D 61 2.39 -0.52 -10.91
C SER D 61 2.49 -1.84 -11.68
N GLY D 62 3.01 -2.88 -11.04
CA GLY D 62 2.97 -4.22 -11.63
C GLY D 62 1.57 -4.71 -11.91
N SER D 63 0.54 -4.16 -11.26
CA SER D 63 -0.87 -4.55 -11.52
C SER D 63 -1.30 -4.17 -12.95
N VAL D 64 -0.67 -3.20 -13.60
CA VAL D 64 -1.16 -2.70 -14.92
C VAL D 64 -0.12 -2.89 -16.03
N LYS D 65 1.11 -3.33 -15.71
CA LYS D 65 2.32 -3.14 -16.58
C LYS D 65 2.05 -3.73 -17.96
N GLY D 66 2.47 -3.05 -19.00
CA GLY D 66 2.18 -3.52 -20.36
C GLY D 66 0.79 -3.08 -20.81
N ARG D 67 -0.20 -2.86 -19.94
CA ARG D 67 -1.60 -2.62 -20.38
C ARG D 67 -1.87 -1.12 -20.41
N PHE D 68 -1.18 -0.36 -19.56
CA PHE D 68 -1.45 1.09 -19.34
C PHE D 68 -0.27 1.89 -19.89
N THR D 69 -0.53 3.08 -20.42
CA THR D 69 0.52 4.02 -20.90
C THR D 69 0.19 5.41 -20.36
N VAL D 70 1.09 6.02 -19.60
CA VAL D 70 0.90 7.43 -19.17
C VAL D 70 1.73 8.29 -20.15
N SER D 71 1.16 9.41 -20.59
CA SER D 71 1.85 10.39 -21.47
C SER D 71 1.40 11.80 -21.06
N ARG D 72 2.17 12.81 -21.45
CA ARG D 72 1.77 14.22 -21.16
C ARG D 72 1.92 15.07 -22.43
N ASP D 73 1.09 16.12 -22.50
CA ASP D 73 1.12 17.15 -23.56
C ASP D 73 1.26 18.49 -22.83
N ASN D 74 2.48 18.95 -22.64
CA ASN D 74 2.76 20.20 -21.87
C ASN D 74 1.96 21.34 -22.52
N ALA D 75 1.82 21.31 -23.85
CA ALA D 75 1.08 22.34 -24.63
C ALA D 75 -0.39 22.38 -24.17
N LYS D 76 -1.01 21.23 -23.94
CA LYS D 76 -2.45 21.17 -23.60
C LYS D 76 -2.59 21.07 -22.07
N GLU D 77 -1.47 21.11 -21.35
CA GLU D 77 -1.43 21.03 -19.87
C GLU D 77 -2.27 19.82 -19.43
N THR D 78 -2.09 18.69 -20.10
CA THR D 78 -2.89 17.48 -19.89
C THR D 78 -1.97 16.27 -19.73
N VAL D 79 -2.34 15.36 -18.83
CA VAL D 79 -1.70 14.00 -18.73
C VAL D 79 -2.79 12.97 -19.09
N TYR D 80 -2.39 11.90 -19.76
CA TYR D 80 -3.26 10.84 -20.30
C TYR D 80 -2.90 9.48 -19.67
N LEU D 81 -3.90 8.63 -19.51
CA LEU D 81 -3.70 7.20 -19.16
C LEU D 81 -4.52 6.39 -20.17
N GLN D 82 -3.83 5.87 -21.18
CA GLN D 82 -4.43 4.89 -22.09
C GLN D 82 -4.50 3.58 -21.29
N MET D 83 -5.67 2.98 -21.22
CA MET D 83 -5.87 1.71 -20.46
C MET D 83 -6.40 0.65 -21.41
N ASN D 84 -5.60 -0.38 -21.71
CA ASN D 84 -6.03 -1.50 -22.59
C ASN D 84 -6.32 -2.77 -21.78
N ASP D 85 -7.02 -3.70 -22.39
CA ASP D 85 -7.16 -5.08 -21.87
C ASP D 85 -7.75 -4.97 -20.46
N LEU D 86 -8.79 -4.13 -20.31
CA LEU D 86 -9.36 -3.83 -18.98
C LEU D 86 -9.99 -5.10 -18.41
N LYS D 87 -9.95 -5.22 -17.11
CA LYS D 87 -10.55 -6.34 -16.33
C LYS D 87 -11.39 -5.75 -15.20
N PRO D 88 -12.38 -6.51 -14.68
CA PRO D 88 -13.16 -6.06 -13.53
C PRO D 88 -12.32 -5.59 -12.32
N GLU D 89 -11.14 -6.19 -12.07
CA GLU D 89 -10.24 -5.77 -10.96
C GLU D 89 -9.68 -4.35 -11.19
N ASP D 90 -9.74 -3.81 -12.40
CA ASP D 90 -9.37 -2.40 -12.72
C ASP D 90 -10.46 -1.40 -12.31
N SER D 91 -11.66 -1.85 -11.90
CA SER D 91 -12.80 -0.98 -11.55
C SER D 91 -12.42 -0.17 -10.31
N ALA D 92 -12.58 1.14 -10.36
CA ALA D 92 -12.07 2.05 -9.34
C ALA D 92 -12.35 3.50 -9.73
N VAL D 93 -12.26 4.39 -8.75
CA VAL D 93 -12.11 5.84 -9.00
C VAL D 93 -10.63 6.07 -9.31
N TYR D 94 -10.34 6.65 -10.49
CA TYR D 94 -8.97 7.01 -10.94
C TYR D 94 -8.72 8.49 -10.62
N TYR D 95 -7.56 8.76 -10.05
CA TYR D 95 -7.14 10.07 -9.52
C TYR D 95 -5.83 10.48 -10.21
N CYS D 96 -5.73 11.75 -10.60
CA CYS D 96 -4.40 12.29 -10.94
C CYS D 96 -3.96 13.24 -9.83
N ALA D 97 -2.65 13.29 -9.62
CA ALA D 97 -2.04 14.12 -8.56
C ALA D 97 -0.77 14.74 -9.12
N ALA D 98 -0.40 15.92 -8.60
CA ALA D 98 0.77 16.67 -9.08
C ALA D 98 1.63 17.10 -7.88
N LYS D 99 2.93 17.23 -8.11
CA LYS D 99 3.88 17.79 -7.12
C LYS D 99 5.02 18.44 -7.91
N ASP D 100 5.70 19.41 -7.28
CA ASP D 100 6.86 20.04 -7.94
C ASP D 100 7.95 18.98 -8.11
N ALA D 101 8.53 18.88 -9.31
CA ALA D 101 9.56 17.88 -9.66
C ALA D 101 10.77 17.99 -8.71
N SER D 102 11.01 19.14 -8.10
CA SER D 102 12.14 19.38 -7.17
C SER D 102 11.81 18.86 -5.76
N VAL D 103 10.56 18.49 -5.50
CA VAL D 103 10.13 18.03 -4.15
C VAL D 103 10.13 16.50 -4.17
N THR D 104 10.76 15.89 -3.18
CA THR D 104 10.69 14.43 -2.99
C THR D 104 9.73 14.21 -1.82
N VAL D 105 8.86 13.22 -1.94
CA VAL D 105 7.81 12.90 -0.93
C VAL D 105 7.97 11.43 -0.51
N ALA D 106 7.60 11.13 0.73
CA ALA D 106 7.58 9.76 1.29
C ALA D 106 6.66 8.87 0.44
N THR D 107 5.51 9.40 0.00
CA THR D 107 4.44 8.63 -0.66
C THR D 107 3.65 9.49 -1.67
N ILE D 108 3.07 8.84 -2.68
CA ILE D 108 2.09 9.43 -3.65
C ILE D 108 1.04 10.23 -2.88
N GLU D 109 0.63 9.74 -1.71
CA GLU D 109 -0.39 10.41 -0.85
C GLU D 109 0.13 11.77 -0.36
N ASP D 110 1.43 12.06 -0.45
CA ASP D 110 1.98 13.37 -0.02
C ASP D 110 2.04 14.35 -1.22
N TYR D 111 1.70 13.94 -2.45
CA TYR D 111 1.51 14.92 -3.56
C TYR D 111 0.50 15.95 -3.07
N PRO D 112 0.80 17.25 -3.20
CA PRO D 112 -0.12 18.29 -2.71
C PRO D 112 -1.38 18.57 -3.55
N TYR D 113 -1.38 18.33 -4.86
CA TYR D 113 -2.50 18.69 -5.76
C TYR D 113 -3.17 17.42 -6.30
N TRP D 114 -4.47 17.25 -6.01
CA TRP D 114 -5.29 16.07 -6.41
C TRP D 114 -6.50 16.51 -7.23
N GLY D 115 -6.83 15.73 -8.26
CA GLY D 115 -8.17 15.80 -8.87
C GLY D 115 -9.24 15.21 -7.95
N ARG D 116 -10.50 15.26 -8.38
CA ARG D 116 -11.68 14.71 -7.67
C ARG D 116 -11.92 13.27 -8.12
N GLY D 117 -11.26 12.83 -9.20
CA GLY D 117 -11.37 11.45 -9.68
C GLY D 117 -12.34 11.27 -10.83
N THR D 118 -12.22 10.18 -11.56
CA THR D 118 -13.19 9.76 -12.60
C THR D 118 -13.44 8.26 -12.40
N GLN D 119 -14.70 7.82 -12.55
CA GLN D 119 -15.17 6.46 -12.25
C GLN D 119 -14.91 5.58 -13.46
N VAL D 120 -14.23 4.47 -13.22
CA VAL D 120 -14.04 3.43 -14.26
C VAL D 120 -14.65 2.15 -13.71
N THR D 121 -15.62 1.61 -14.42
CA THR D 121 -16.27 0.33 -14.06
C THR D 121 -16.10 -0.61 -15.25
N VAL D 122 -15.52 -1.77 -15.02
CA VAL D 122 -15.29 -2.79 -16.08
C VAL D 122 -16.19 -3.98 -15.75
N SER D 123 -16.97 -4.40 -16.73
CA SER D 123 -18.00 -5.43 -16.50
C SER D 123 -17.94 -6.54 -17.56
N SER D 124 -18.02 -7.77 -17.10
CA SER D 124 -18.14 -8.98 -17.95
C SER D 124 -19.63 -9.34 -18.16
N GLU D 125 -20.54 -8.48 -17.69
CA GLU D 125 -22.01 -8.70 -17.78
C GLU D 125 -22.73 -7.45 -18.31
N ASN D 126 -23.55 -6.79 -17.48
CA ASN D 126 -24.38 -5.65 -17.95
C ASN D 126 -23.60 -4.33 -18.11
N LEU D 127 -24.10 -3.42 -18.97
CA LEU D 127 -23.39 -2.23 -19.52
C LEU D 127 -24.35 -1.10 -19.95
N TYR D 128 -25.47 -1.48 -20.55
CA TYR D 128 -26.48 -0.64 -21.25
C TYR D 128 -27.76 -0.58 -20.41
N PHE D 129 -28.16 0.62 -20.02
CA PHE D 129 -29.39 0.87 -19.22
C PHE D 129 -30.61 0.72 -20.15
N GLN D 130 -31.66 0.03 -19.66
CA GLN D 130 -32.93 -0.33 -20.35
C GLN D 130 -32.66 -0.74 -21.81
#